data_7XEE
#
_entry.id   7XEE
#
_cell.length_a   42.795
_cell.length_b   49.040
_cell.length_c   62.223
_cell.angle_alpha   90.000
_cell.angle_beta   92.970
_cell.angle_gamma   90.000
#
_symmetry.space_group_name_H-M   'P 1 21 1'
#
loop_
_entity.id
_entity.type
_entity.pdbx_description
1 polymer 'Limonene-1,2-epoxide hydrolase'
2 non-polymer 2-(3-phenyloxetan-3-yl)ethanamine
3 non-polymer 1,2-ETHANEDIOL
4 non-polymer 'SODIUM ION'
5 water water
#
_entity_poly.entity_id   1
_entity_poly.type   'polypeptide(L)'
_entity_poly.pdbx_seq_one_letter_code
;MHHHHHHTSKIEQPRWASKDSAAGAASTPDEKIVLEFMDALTSNDAAKLIEYFAEDTMFQAMPLPPAYGRDAVEQTLAGL
FTVMSIDAVETFHIGSSNGLVYTERVDVLRALPTGKSYNLSILGVFQLTEGKITGWRDYFDLREFEEAVDLPLRG
;
_entity_poly.pdbx_strand_id   A,B
#
# COMPACT_ATOMS: atom_id res chain seq x y z
N GLN A 13 1.46 17.85 -3.22
CA GLN A 13 0.50 17.31 -4.16
C GLN A 13 1.20 16.57 -5.30
N PRO A 14 0.93 15.27 -5.40
CA PRO A 14 1.77 14.42 -6.25
C PRO A 14 1.56 14.69 -7.73
N ARG A 15 2.68 14.67 -8.47
CA ARG A 15 2.67 14.80 -9.92
C ARG A 15 1.74 13.77 -10.58
N TRP A 16 1.65 12.59 -9.97
CA TRP A 16 0.99 11.45 -10.59
C TRP A 16 -0.49 11.34 -10.23
N ALA A 17 -1.04 12.29 -9.49
CA ALA A 17 -2.47 12.28 -9.17
C ALA A 17 -3.30 12.17 -10.44
N SER A 18 -4.33 11.34 -10.40
CA SER A 18 -5.10 10.97 -11.57
C SER A 18 -5.77 12.19 -12.19
N SER A 21 -10.36 11.78 -12.10
CA SER A 21 -11.32 12.88 -11.92
C SER A 21 -12.27 12.58 -10.76
N ALA A 22 -13.06 11.52 -10.89
CA ALA A 22 -13.70 10.93 -9.73
C ALA A 22 -12.75 10.07 -8.91
N ALA A 23 -11.47 9.97 -9.29
CA ALA A 23 -10.57 9.11 -8.53
C ALA A 23 -10.51 9.55 -7.06
N GLY A 24 -10.50 10.85 -6.81
CA GLY A 24 -10.41 11.33 -5.44
C GLY A 24 -11.73 11.45 -4.70
N ALA A 25 -12.86 11.12 -5.33
CA ALA A 25 -14.16 11.23 -4.70
C ALA A 25 -14.52 9.91 -4.02
N ALA A 26 -15.11 10.01 -2.84
CA ALA A 26 -15.73 8.84 -2.19
C ALA A 26 -17.14 8.68 -2.76
N SER A 27 -17.40 7.53 -3.39
CA SER A 27 -18.59 7.36 -4.21
C SER A 27 -19.58 6.33 -3.70
N THR A 28 -19.33 5.74 -2.54
CA THR A 28 -20.19 4.71 -1.95
C THR A 28 -20.28 4.97 -0.45
N PRO A 29 -21.25 4.37 0.24
CA PRO A 29 -21.30 4.55 1.69
C PRO A 29 -20.01 4.12 2.39
N ASP A 30 -19.44 2.98 1.99
CA ASP A 30 -18.21 2.51 2.61
C ASP A 30 -17.05 3.47 2.39
N GLU A 31 -16.91 3.98 1.16
CA GLU A 31 -15.85 4.96 0.89
C GLU A 31 -16.05 6.22 1.72
N LYS A 32 -17.31 6.61 1.93
CA LYS A 32 -17.58 7.83 2.70
C LYS A 32 -17.27 7.63 4.18
N ILE A 33 -17.58 6.44 4.70
CA ILE A 33 -17.24 6.22 6.11
C ILE A 33 -15.74 6.21 6.28
N VAL A 34 -14.98 5.65 5.34
CA VAL A 34 -13.53 5.68 5.44
C VAL A 34 -13.00 7.10 5.40
N LEU A 35 -13.57 7.96 4.54
CA LEU A 35 -13.16 9.36 4.50
C LEU A 35 -13.46 10.06 5.82
N GLU A 36 -14.63 9.78 6.40
CA GLU A 36 -14.97 10.33 7.70
C GLU A 36 -14.00 9.85 8.77
N PHE A 37 -13.62 8.58 8.69
CA PHE A 37 -12.64 8.04 9.62
C PHE A 37 -11.27 8.73 9.45
N MET A 38 -10.86 9.00 8.21
CA MET A 38 -9.59 9.70 7.99
C MET A 38 -9.60 11.08 8.62
N ASP A 39 -10.73 11.77 8.53
CA ASP A 39 -10.89 13.04 9.23
C ASP A 39 -10.84 12.86 10.75
N ALA A 40 -11.52 11.82 11.28
CA ALA A 40 -11.49 11.60 12.73
C ALA A 40 -10.09 11.31 13.27
N LEU A 41 -9.17 10.85 12.41
CA LEU A 41 -7.83 10.49 12.88
C LEU A 41 -7.09 11.71 13.44
N THR A 42 -7.41 12.91 12.96
CA THR A 42 -6.75 14.09 13.51
C THR A 42 -7.18 14.38 14.95
N SER A 43 -8.20 13.69 15.46
CA SER A 43 -8.51 13.80 16.88
C SER A 43 -7.41 13.23 17.76
N ASN A 44 -6.55 12.35 17.22
CA ASN A 44 -5.49 11.71 18.00
C ASN A 44 -6.05 11.00 19.25
N ASP A 45 -7.30 10.53 19.15
CA ASP A 45 -8.06 10.02 20.31
C ASP A 45 -8.48 8.59 20.04
N ALA A 46 -7.71 7.62 20.58
CA ALA A 46 -7.99 6.23 20.24
C ALA A 46 -9.34 5.78 20.81
N ALA A 47 -9.71 6.26 21.99
CA ALA A 47 -11.01 5.91 22.56
C ALA A 47 -12.16 6.35 21.66
N LYS A 48 -12.00 7.48 20.97
CA LYS A 48 -13.02 7.91 20.03
C LYS A 48 -12.96 7.08 18.75
N LEU A 49 -11.76 6.83 18.25
CA LEU A 49 -11.61 6.16 16.97
C LEU A 49 -12.05 4.70 17.03
N ILE A 50 -11.93 4.05 18.18
CA ILE A 50 -12.31 2.63 18.23
C ILE A 50 -13.79 2.42 17.97
N GLU A 51 -14.61 3.47 18.10
CA GLU A 51 -16.04 3.31 17.80
C GLU A 51 -16.28 2.99 16.33
N TYR A 52 -15.30 3.22 15.44
CA TYR A 52 -15.48 2.90 14.03
C TYR A 52 -15.24 1.43 13.69
N PHE A 53 -14.74 0.63 14.64
CA PHE A 53 -14.27 -0.71 14.36
C PHE A 53 -15.30 -1.74 14.79
N ALA A 54 -15.39 -2.83 14.02
CA ALA A 54 -16.23 -3.97 14.36
C ALA A 54 -15.59 -4.77 15.50
N GLU A 55 -16.39 -5.63 16.15
CA GLU A 55 -15.81 -6.53 17.14
C GLU A 55 -14.76 -7.43 16.51
N ASP A 56 -15.06 -8.01 15.36
CA ASP A 56 -14.11 -8.85 14.61
C ASP A 56 -13.32 -7.93 13.70
N THR A 57 -12.14 -7.49 14.15
CA THR A 57 -11.41 -6.43 13.46
C THR A 57 -9.92 -6.65 13.63
N MET A 58 -9.14 -5.87 12.88
CA MET A 58 -7.71 -5.92 13.03
C MET A 58 -7.16 -4.61 12.48
N PHE A 59 -5.96 -4.25 12.92
CA PHE A 59 -5.26 -3.08 12.40
C PHE A 59 -3.79 -3.42 12.25
N GLN A 60 -3.18 -2.95 11.16
CA GLN A 60 -1.72 -3.09 11.08
C GLN A 60 -1.15 -1.96 10.26
N ALA A 61 -0.29 -1.16 10.88
CA ALA A 61 0.73 -0.41 10.17
C ALA A 61 1.79 -1.41 9.76
N MET A 62 1.88 -1.69 8.47
CA MET A 62 2.55 -2.89 8.01
C MET A 62 4.03 -3.03 8.38
N PRO A 63 4.77 -1.96 8.65
CA PRO A 63 6.13 -2.15 9.19
C PRO A 63 6.16 -2.66 10.63
N LEU A 64 5.01 -2.70 11.32
CA LEU A 64 4.94 -3.04 12.73
C LEU A 64 3.95 -4.18 12.92
N PRO A 65 3.96 -4.85 14.06
CA PRO A 65 3.12 -6.04 14.23
C PRO A 65 1.65 -5.71 14.20
N PRO A 66 0.83 -6.67 13.82
CA PRO A 66 -0.62 -6.44 13.75
C PRO A 66 -1.27 -6.51 15.12
N ALA A 67 -2.47 -5.94 15.19
CA ALA A 67 -3.32 -6.02 16.39
C ALA A 67 -4.67 -6.58 15.98
N TYR A 68 -5.15 -7.58 16.73
CA TYR A 68 -6.43 -8.22 16.46
C TYR A 68 -7.41 -7.96 17.60
N GLY A 69 -8.65 -7.62 17.24
CA GLY A 69 -9.70 -7.31 18.20
C GLY A 69 -9.68 -5.86 18.63
N ARG A 70 -10.83 -5.39 19.11
CA ARG A 70 -10.97 -3.96 19.43
CA ARG A 70 -10.97 -3.96 19.43
C ARG A 70 -10.04 -3.55 20.57
N ASP A 71 -9.86 -4.41 21.56
CA ASP A 71 -9.03 -4.02 22.70
CA ASP A 71 -9.02 -4.02 22.69
C ASP A 71 -7.56 -3.84 22.27
N ALA A 72 -7.03 -4.78 21.50
CA ALA A 72 -5.64 -4.64 21.07
C ALA A 72 -5.47 -3.49 20.08
N VAL A 73 -6.46 -3.27 19.22
CA VAL A 73 -6.37 -2.18 18.25
C VAL A 73 -6.36 -0.84 18.99
N GLU A 74 -7.28 -0.65 19.93
CA GLU A 74 -7.32 0.60 20.69
C GLU A 74 -6.01 0.85 21.42
N GLN A 75 -5.45 -0.19 22.05
CA GLN A 75 -4.16 -0.06 22.72
C GLN A 75 -3.05 0.29 21.75
N THR A 76 -3.07 -0.30 20.55
CA THR A 76 -2.01 -0.01 19.60
C THR A 76 -2.09 1.43 19.14
N LEU A 77 -3.28 1.89 18.77
CA LEU A 77 -3.45 3.28 18.37
C LEU A 77 -3.10 4.24 19.50
N ALA A 78 -3.61 3.98 20.71
CA ALA A 78 -3.26 4.82 21.85
C ALA A 78 -1.75 4.95 21.98
N GLY A 79 -1.01 3.85 21.80
CA GLY A 79 0.43 3.90 21.91
C GLY A 79 1.07 4.80 20.86
N LEU A 80 0.65 4.66 19.61
CA LEU A 80 1.18 5.51 18.55
C LEU A 80 0.92 6.98 18.86
N PHE A 81 -0.27 7.30 19.38
CA PHE A 81 -0.66 8.68 19.63
C PHE A 81 0.07 9.29 20.83
N THR A 82 0.86 8.52 21.59
CA THR A 82 1.58 9.13 22.69
C THR A 82 2.77 9.94 22.21
N VAL A 83 3.27 9.69 21.01
CA VAL A 83 4.48 10.34 20.51
C VAL A 83 4.30 10.94 19.13
N MET A 84 3.14 10.73 18.49
CA MET A 84 2.93 11.37 17.21
C MET A 84 1.50 11.86 17.08
N SER A 85 1.35 12.98 16.38
CA SER A 85 0.06 13.57 16.09
C SER A 85 -0.23 13.43 14.60
N ILE A 86 -1.45 13.02 14.25
CA ILE A 86 -1.89 13.05 12.86
C ILE A 86 -2.48 14.44 12.66
N ASP A 87 -1.72 15.32 12.03
CA ASP A 87 -2.17 16.70 11.86
C ASP A 87 -3.10 16.84 10.67
N ALA A 88 -2.93 15.99 9.66
CA ALA A 88 -3.77 16.09 8.47
C ALA A 88 -3.68 14.78 7.73
N VAL A 89 -4.77 14.44 7.03
CA VAL A 89 -4.79 13.33 6.08
C VAL A 89 -5.28 13.87 4.76
N GLU A 90 -4.49 13.71 3.71
CA GLU A 90 -4.88 14.19 2.39
C GLU A 90 -4.96 12.98 1.47
N THR A 91 -6.17 12.74 0.96
CA THR A 91 -6.46 11.56 0.15
C THR A 91 -6.49 11.92 -1.34
N PHE A 92 -5.55 11.37 -2.11
CA PHE A 92 -5.54 11.62 -3.56
C PHE A 92 -6.47 10.70 -4.34
N HIS A 93 -6.54 9.43 -3.95
CA HIS A 93 -7.36 8.46 -4.67
C HIS A 93 -8.09 7.58 -3.68
N ILE A 94 -9.36 7.31 -3.96
CA ILE A 94 -10.11 6.36 -3.17
C ILE A 94 -10.96 5.52 -4.10
N GLY A 95 -10.99 4.20 -3.86
CA GLY A 95 -11.85 3.30 -4.61
C GLY A 95 -12.15 2.07 -3.79
N SER A 96 -12.92 1.15 -4.39
CA SER A 96 -13.41 0.00 -3.64
C SER A 96 -13.88 -1.09 -4.58
N SER A 97 -13.72 -2.34 -4.13
CA SER A 97 -14.30 -3.51 -4.76
C SER A 97 -14.45 -4.53 -3.67
N ASN A 98 -15.60 -5.18 -3.66
CA ASN A 98 -15.74 -6.43 -2.94
C ASN A 98 -15.70 -6.25 -1.44
N GLY A 99 -16.14 -5.07 -0.96
CA GLY A 99 -16.09 -4.78 0.46
C GLY A 99 -14.76 -4.29 0.99
N LEU A 100 -13.81 -3.98 0.11
CA LEU A 100 -12.55 -3.38 0.52
C LEU A 100 -12.46 -2.00 -0.08
N VAL A 101 -11.96 -1.05 0.71
CA VAL A 101 -11.75 0.33 0.29
C VAL A 101 -10.25 0.60 0.31
N TYR A 102 -9.75 1.21 -0.76
CA TYR A 102 -8.34 1.56 -0.91
C TYR A 102 -8.15 3.07 -0.92
N THR A 103 -7.14 3.57 -0.21
CA THR A 103 -6.90 5.00 -0.11
C THR A 103 -5.44 5.28 -0.37
N GLU A 104 -5.14 6.06 -1.41
CA GLU A 104 -3.79 6.55 -1.66
C GLU A 104 -3.72 7.97 -1.10
N ARG A 105 -2.86 8.18 -0.12
CA ARG A 105 -2.93 9.43 0.63
C ARG A 105 -1.56 9.81 1.13
N VAL A 106 -1.51 11.01 1.72
CA VAL A 106 -0.41 11.45 2.58
C VAL A 106 -1.00 11.74 3.95
N ASP A 107 -0.39 11.17 4.98
CA ASP A 107 -0.66 11.57 6.35
C ASP A 107 0.43 12.55 6.77
N VAL A 108 0.03 13.69 7.30
CA VAL A 108 0.98 14.67 7.82
C VAL A 108 1.19 14.30 9.29
N LEU A 109 2.34 13.73 9.59
CA LEU A 109 2.61 13.19 10.93
C LEU A 109 3.61 14.08 11.64
N ARG A 110 3.31 14.44 12.89
CA ARG A 110 4.18 15.30 13.69
C ARG A 110 4.71 14.49 14.87
N ALA A 111 6.02 14.37 14.97
CA ALA A 111 6.64 13.71 16.12
C ALA A 111 6.56 14.65 17.32
N LEU A 112 5.78 14.29 18.33
CA LEU A 112 5.66 15.14 19.50
C LEU A 112 7.00 15.42 20.20
N PRO A 113 7.91 14.46 20.36
CA PRO A 113 9.15 14.77 21.09
C PRO A 113 10.03 15.81 20.41
N THR A 114 10.07 15.82 19.08
CA THR A 114 10.98 16.70 18.35
C THR A 114 10.28 17.89 17.72
N GLY A 115 8.96 17.85 17.59
CA GLY A 115 8.25 18.91 16.91
C GLY A 115 8.33 18.87 15.39
N LYS A 116 9.05 17.90 14.82
CA LYS A 116 9.22 17.82 13.38
C LYS A 116 8.04 17.09 12.72
N SER A 117 7.70 17.52 11.51
CA SER A 117 6.61 16.92 10.77
C SER A 117 7.13 16.29 9.49
N TYR A 118 6.32 15.40 8.93
CA TYR A 118 6.71 14.70 7.71
C TYR A 118 5.46 14.28 6.96
N ASN A 119 5.51 14.42 5.64
CA ASN A 119 4.42 14.03 4.76
C ASN A 119 4.67 12.60 4.31
N LEU A 120 3.98 11.66 4.95
CA LEU A 120 4.22 10.23 4.74
C LEU A 120 3.26 9.71 3.67
N SER A 121 3.82 9.21 2.57
CA SER A 121 3.03 8.59 1.51
C SER A 121 2.54 7.22 1.96
N ILE A 122 1.24 6.99 1.84
CA ILE A 122 0.61 5.79 2.36
C ILE A 122 -0.36 5.26 1.31
N LEU A 123 -0.40 3.94 1.15
CA LEU A 123 -1.51 3.26 0.49
C LEU A 123 -2.13 2.38 1.55
N GLY A 124 -3.42 2.57 1.82
CA GLY A 124 -4.07 1.82 2.89
C GLY A 124 -5.28 1.07 2.38
N VAL A 125 -5.69 0.01 3.09
CA VAL A 125 -6.85 -0.78 2.70
C VAL A 125 -7.73 -0.95 3.94
N PHE A 126 -9.04 -0.88 3.73
CA PHE A 126 -10.04 -0.99 4.77
C PHE A 126 -11.05 -2.04 4.36
N GLN A 127 -11.30 -3.00 5.23
CA GLN A 127 -12.38 -3.96 5.08
C GLN A 127 -13.53 -3.49 5.97
N LEU A 128 -14.75 -3.45 5.43
CA LEU A 128 -15.92 -2.99 6.16
C LEU A 128 -17.04 -4.02 6.10
N THR A 129 -17.73 -4.22 7.22
CA THR A 129 -18.95 -5.02 7.27
C THR A 129 -19.99 -4.24 8.05
N GLU A 130 -21.13 -3.97 7.41
CA GLU A 130 -22.20 -3.20 8.02
C GLU A 130 -21.69 -1.87 8.56
N GLY A 131 -20.82 -1.22 7.78
CA GLY A 131 -20.36 0.11 8.10
C GLY A 131 -19.32 0.21 9.20
N LYS A 132 -18.78 -0.90 9.68
CA LYS A 132 -17.74 -0.93 10.70
C LYS A 132 -16.46 -1.50 10.10
N ILE A 133 -15.31 -1.03 10.60
CA ILE A 133 -14.04 -1.48 10.06
C ILE A 133 -13.71 -2.85 10.62
N THR A 134 -13.63 -3.85 9.74
CA THR A 134 -13.17 -5.18 10.12
C THR A 134 -11.68 -5.38 9.84
N GLY A 135 -11.03 -4.42 9.19
CA GLY A 135 -9.61 -4.53 8.94
C GLY A 135 -9.08 -3.22 8.38
N TRP A 136 -7.96 -2.75 8.91
CA TRP A 136 -7.31 -1.54 8.40
C TRP A 136 -5.82 -1.80 8.34
N ARG A 137 -5.22 -1.74 7.14
CA ARG A 137 -3.79 -1.94 6.99
C ARG A 137 -3.22 -0.81 6.15
N ASP A 138 -2.21 -0.12 6.67
CA ASP A 138 -1.51 0.93 5.94
C ASP A 138 -0.13 0.44 5.53
N TYR A 139 0.23 0.68 4.28
CA TYR A 139 1.53 0.31 3.75
C TYR A 139 2.35 1.57 3.50
N PHE A 140 3.57 1.59 4.02
CA PHE A 140 4.45 2.75 3.86
C PHE A 140 5.85 2.34 4.29
N ASP A 141 6.78 3.26 4.14
CA ASP A 141 8.15 3.03 4.57
C ASP A 141 8.37 3.77 5.89
N LEU A 142 8.69 3.02 6.94
CA LEU A 142 8.80 3.58 8.27
C LEU A 142 10.12 4.33 8.48
N ARG A 143 11.22 3.81 7.90
CA ARG A 143 12.53 4.44 8.11
C ARG A 143 12.56 5.88 7.61
N GLU A 144 11.98 6.16 6.43
CA GLU A 144 12.00 7.52 5.93
C GLU A 144 11.22 8.46 6.85
N PHE A 145 10.18 7.97 7.50
CA PHE A 145 9.50 8.80 8.50
C PHE A 145 10.41 9.04 9.70
N GLU A 146 11.03 7.97 10.22
CA GLU A 146 11.88 8.09 11.42
C GLU A 146 13.02 9.07 11.19
N GLU A 147 13.72 8.95 10.06
CA GLU A 147 14.85 9.84 9.81
C GLU A 147 14.40 11.28 9.61
N ALA A 148 13.20 11.50 9.09
CA ALA A 148 12.74 12.86 8.85
C ALA A 148 12.42 13.57 10.17
N VAL A 149 11.84 12.85 11.13
CA VAL A 149 11.39 13.49 12.38
C VAL A 149 12.34 13.21 13.53
N ASP A 150 13.46 12.52 13.28
CA ASP A 150 14.46 12.16 14.28
C ASP A 150 13.86 11.35 15.43
N LEU A 151 13.14 10.29 15.08
CA LEU A 151 12.56 9.41 16.09
C LEU A 151 12.38 7.98 15.58
N PRO A 152 13.13 7.01 16.10
CA PRO A 152 12.87 5.61 15.75
C PRO A 152 11.59 5.12 16.39
N LEU A 153 10.93 4.18 15.72
CA LEU A 153 9.63 3.69 16.17
C LEU A 153 9.55 2.18 16.37
N ARG A 154 10.38 1.39 15.70
CA ARG A 154 10.33 -0.06 15.90
C ARG A 154 10.65 -0.45 17.34
N LYS B 10 3.79 -21.66 -2.94
CA LYS B 10 2.56 -20.88 -2.73
C LYS B 10 2.40 -20.43 -1.32
N ILE B 11 2.19 -19.17 -0.98
CA ILE B 11 2.27 -18.50 0.33
C ILE B 11 1.08 -18.80 1.23
N GLU B 12 1.29 -18.78 2.55
CA GLU B 12 0.20 -18.94 3.51
C GLU B 12 -0.78 -17.75 3.46
N GLN B 13 -2.06 -18.06 3.45
CA GLN B 13 -3.08 -17.01 3.40
C GLN B 13 -3.05 -16.21 4.70
N PRO B 14 -2.94 -14.88 4.62
CA PRO B 14 -2.95 -14.07 5.84
C PRO B 14 -4.25 -14.24 6.62
N ARG B 15 -4.14 -14.04 7.94
CA ARG B 15 -5.29 -14.17 8.82
C ARG B 15 -6.37 -13.17 8.47
N TRP B 16 -5.97 -12.02 7.96
CA TRP B 16 -6.87 -10.93 7.64
C TRP B 16 -7.40 -11.00 6.22
N ALA B 17 -7.03 -12.00 5.43
CA ALA B 17 -7.49 -12.07 4.05
C ALA B 17 -9.01 -12.15 4.01
N SER B 18 -9.61 -11.46 3.05
CA SER B 18 -11.05 -11.52 2.88
C SER B 18 -11.46 -12.90 2.41
N LYS B 19 -12.54 -13.42 3.00
CA LYS B 19 -13.04 -14.72 2.56
C LYS B 19 -13.95 -14.60 1.35
N ASP B 20 -14.50 -13.41 1.08
CA ASP B 20 -15.24 -13.18 -0.16
C ASP B 20 -14.35 -13.53 -1.35
N SER B 21 -14.76 -14.54 -2.10
CA SER B 21 -13.97 -15.01 -3.23
C SER B 21 -13.73 -13.90 -4.24
N ALA B 22 -14.72 -13.04 -4.45
CA ALA B 22 -14.56 -11.99 -5.46
C ALA B 22 -13.39 -11.06 -5.11
N ALA B 23 -13.09 -10.89 -3.82
CA ALA B 23 -12.04 -9.95 -3.42
C ALA B 23 -10.68 -10.33 -4.03
N GLY B 24 -10.39 -11.62 -4.17
CA GLY B 24 -9.12 -12.08 -4.73
C GLY B 24 -9.09 -12.30 -6.23
N ALA B 25 -10.20 -12.08 -6.93
CA ALA B 25 -10.30 -12.35 -8.36
C ALA B 25 -10.31 -11.05 -9.16
N ALA B 26 -9.74 -11.09 -10.37
CA ALA B 26 -9.87 -9.97 -11.30
C ALA B 26 -11.24 -10.04 -11.96
N SER B 27 -11.97 -8.92 -11.91
CA SER B 27 -13.36 -8.88 -12.33
C SER B 27 -13.61 -7.89 -13.46
N THR B 28 -12.57 -7.23 -13.95
CA THR B 28 -12.69 -6.21 -14.97
C THR B 28 -11.52 -6.38 -15.93
N PRO B 29 -11.62 -5.79 -17.13
CA PRO B 29 -10.48 -5.87 -18.06
C PRO B 29 -9.19 -5.29 -17.49
N ASP B 30 -9.28 -4.13 -16.81
CA ASP B 30 -8.08 -3.55 -16.21
C ASP B 30 -7.49 -4.46 -15.13
N GLU B 31 -8.35 -5.05 -14.28
CA GLU B 31 -7.81 -5.93 -13.24
C GLU B 31 -7.16 -7.16 -13.85
N LYS B 32 -7.68 -7.64 -14.98
CA LYS B 32 -7.07 -8.80 -15.62
C LYS B 32 -5.72 -8.46 -16.25
N ILE B 33 -5.58 -7.24 -16.78
CA ILE B 33 -4.27 -6.81 -17.27
C ILE B 33 -3.27 -6.80 -16.12
N VAL B 34 -3.67 -6.26 -14.98
CA VAL B 34 -2.76 -6.16 -13.85
C VAL B 34 -2.34 -7.54 -13.36
N LEU B 35 -3.28 -8.48 -13.31
CA LEU B 35 -2.96 -9.84 -12.88
C LEU B 35 -1.99 -10.51 -13.84
N GLU B 36 -2.18 -10.29 -15.14
CA GLU B 36 -1.22 -10.81 -16.11
C GLU B 36 0.13 -10.13 -15.93
N PHE B 37 0.12 -8.82 -15.71
CA PHE B 37 1.36 -8.10 -15.46
C PHE B 37 2.09 -8.65 -14.25
N MET B 38 1.36 -8.99 -13.18
CA MET B 38 1.96 -9.57 -11.97
CA MET B 38 2.06 -9.51 -12.01
C MET B 38 2.61 -10.91 -12.26
N ASP B 39 2.02 -11.69 -13.16
CA ASP B 39 2.68 -12.92 -13.61
C ASP B 39 3.94 -12.60 -14.39
N ALA B 40 3.90 -11.56 -15.23
CA ALA B 40 5.06 -11.20 -16.04
C ALA B 40 6.23 -10.73 -15.19
N LEU B 41 5.95 -10.14 -14.01
CA LEU B 41 7.03 -9.73 -13.11
C LEU B 41 8.02 -10.85 -12.85
N THR B 42 7.54 -12.11 -12.82
CA THR B 42 8.44 -13.21 -12.50
C THR B 42 9.38 -13.54 -13.65
N SER B 43 9.25 -12.88 -14.81
CA SER B 43 10.24 -13.08 -15.85
CA SER B 43 10.22 -13.03 -15.88
C SER B 43 11.49 -12.23 -15.63
N ASN B 44 11.45 -11.28 -14.69
CA ASN B 44 12.59 -10.44 -14.36
C ASN B 44 13.22 -9.79 -15.59
N ASP B 45 12.38 -9.31 -16.50
CA ASP B 45 12.83 -8.78 -17.78
C ASP B 45 12.15 -7.43 -18.00
N ALA B 46 12.92 -6.35 -17.92
CA ALA B 46 12.32 -5.02 -18.03
C ALA B 46 11.74 -4.79 -19.42
N ALA B 47 12.41 -5.29 -20.47
CA ALA B 47 11.90 -5.11 -21.83
C ALA B 47 10.56 -5.80 -22.04
N LYS B 48 10.33 -6.95 -21.40
CA LYS B 48 9.01 -7.59 -21.47
C LYS B 48 7.97 -6.77 -20.72
N LEU B 49 8.32 -6.23 -19.56
CA LEU B 49 7.36 -5.47 -18.77
C LEU B 49 6.97 -4.15 -19.42
N ILE B 50 7.93 -3.49 -20.09
CA ILE B 50 7.67 -2.12 -20.52
C ILE B 50 6.61 -2.05 -21.60
N GLU B 51 6.38 -3.17 -22.31
CA GLU B 51 5.34 -3.21 -23.32
C GLU B 51 3.95 -2.99 -22.73
N TYR B 52 3.79 -3.16 -21.41
CA TYR B 52 2.50 -2.89 -20.79
C TYR B 52 2.30 -1.41 -20.49
N PHE B 53 3.31 -0.56 -20.67
CA PHE B 53 3.27 0.82 -20.21
C PHE B 53 2.94 1.78 -21.35
N ALA B 54 2.20 2.84 -21.02
CA ALA B 54 2.01 3.94 -21.97
C ALA B 54 3.28 4.78 -22.06
N GLU B 55 3.32 5.68 -23.05
CA GLU B 55 4.43 6.63 -23.11
C GLU B 55 4.33 7.64 -21.98
N ASP B 56 3.11 8.09 -21.68
CA ASP B 56 2.85 8.98 -20.56
C ASP B 56 2.65 8.14 -19.31
N THR B 57 3.73 7.88 -18.57
CA THR B 57 3.67 6.88 -17.51
C THR B 57 4.69 7.23 -16.44
N MET B 58 4.60 6.52 -15.32
CA MET B 58 5.60 6.64 -14.28
C MET B 58 5.63 5.34 -13.50
N PHE B 59 6.72 5.13 -12.76
CA PHE B 59 6.85 4.03 -11.82
C PHE B 59 7.53 4.52 -10.56
N GLN B 60 7.08 4.05 -9.40
CA GLN B 60 7.81 4.35 -8.17
C GLN B 60 7.58 3.22 -7.17
N ALA B 61 8.67 2.60 -6.75
CA ALA B 61 8.72 1.90 -5.47
C ALA B 61 8.86 2.97 -4.40
N MET B 62 7.81 3.17 -3.61
CA MET B 62 7.67 4.43 -2.90
C MET B 62 8.82 4.75 -1.94
N PRO B 63 9.55 3.79 -1.36
CA PRO B 63 10.73 4.17 -0.56
C PRO B 63 11.87 4.73 -1.41
N LEU B 64 11.77 4.65 -2.75
CA LEU B 64 12.86 5.01 -3.65
C LEU B 64 12.38 6.08 -4.65
N PRO B 65 13.28 6.73 -5.39
CA PRO B 65 12.87 7.84 -6.25
C PRO B 65 11.98 7.37 -7.39
N PRO B 66 11.04 8.20 -7.83
CA PRO B 66 10.19 7.83 -8.98
C PRO B 66 10.92 7.97 -10.30
N ALA B 67 10.37 7.31 -11.31
CA ALA B 67 10.83 7.45 -12.69
C ALA B 67 9.65 7.88 -13.53
N TYR B 68 9.88 8.86 -14.41
CA TYR B 68 8.81 9.40 -15.25
C TYR B 68 9.13 9.16 -16.72
N GLY B 69 8.11 8.73 -17.46
CA GLY B 69 8.30 8.40 -18.84
C GLY B 69 8.76 6.98 -19.06
N ARG B 70 8.47 6.47 -20.26
CA ARG B 70 8.65 5.06 -20.54
C ARG B 70 10.12 4.66 -20.47
N ASP B 71 11.01 5.49 -21.02
CA ASP B 71 12.43 5.13 -21.01
C ASP B 71 13.00 5.07 -19.61
N ALA B 72 12.65 6.06 -18.76
CA ALA B 72 13.18 6.07 -17.40
C ALA B 72 12.63 4.90 -16.59
N VAL B 73 11.36 4.58 -16.80
CA VAL B 73 10.75 3.42 -16.15
C VAL B 73 11.49 2.14 -16.55
N GLU B 74 11.72 1.96 -17.86
CA GLU B 74 12.40 0.74 -18.30
C GLU B 74 13.78 0.61 -17.66
N GLN B 75 14.56 1.70 -17.65
CA GLN B 75 15.89 1.67 -17.07
C GLN B 75 15.84 1.43 -15.56
N THR B 76 14.84 1.97 -14.88
CA THR B 76 14.73 1.71 -13.45
C THR B 76 14.37 0.24 -13.19
N LEU B 77 13.38 -0.28 -13.92
CA LEU B 77 13.05 -1.70 -13.79
C LEU B 77 14.26 -2.58 -14.09
N ALA B 78 14.95 -2.29 -15.20
CA ALA B 78 16.13 -3.07 -15.52
C ALA B 78 17.16 -3.02 -14.40
N GLY B 79 17.36 -1.83 -13.82
CA GLY B 79 18.29 -1.70 -12.71
C GLY B 79 17.89 -2.50 -11.48
N LEU B 80 16.61 -2.48 -11.13
CA LEU B 80 16.14 -3.30 -10.02
C LEU B 80 16.36 -4.79 -10.30
N PHE B 81 16.09 -5.23 -11.53
CA PHE B 81 16.25 -6.65 -11.81
C PHE B 81 17.72 -7.10 -11.82
N THR B 82 18.70 -6.18 -11.84
CA THR B 82 20.09 -6.62 -11.68
C THR B 82 20.43 -6.94 -10.23
N VAL B 83 19.64 -6.48 -9.27
CA VAL B 83 19.94 -6.72 -7.87
C VAL B 83 18.93 -7.62 -7.19
N MET B 84 17.71 -7.75 -7.72
CA MET B 84 16.77 -8.66 -7.10
C MET B 84 15.98 -9.39 -8.16
N SER B 85 15.53 -10.58 -7.79
CA SER B 85 14.68 -11.38 -8.63
C SER B 85 13.31 -11.51 -7.95
N ILE B 86 12.24 -11.39 -8.74
CA ILE B 86 10.89 -11.64 -8.25
C ILE B 86 10.59 -13.10 -8.58
N ASP B 87 10.60 -13.94 -7.56
CA ASP B 87 10.43 -15.38 -7.75
C ASP B 87 8.96 -15.78 -7.78
N ALA B 88 8.11 -15.03 -7.11
CA ALA B 88 6.68 -15.30 -7.13
C ALA B 88 5.95 -14.07 -6.63
N VAL B 89 4.71 -13.94 -7.04
CA VAL B 89 3.82 -12.89 -6.55
C VAL B 89 2.52 -13.56 -6.16
N GLU B 90 2.08 -13.32 -4.93
CA GLU B 90 0.84 -13.91 -4.41
C GLU B 90 -0.10 -12.76 -4.13
N THR B 91 -1.19 -12.67 -4.88
CA THR B 91 -2.12 -11.56 -4.72
C THR B 91 -3.26 -12.01 -3.82
N PHE B 92 -3.51 -11.27 -2.74
CA PHE B 92 -4.62 -11.61 -1.87
C PHE B 92 -5.91 -10.88 -2.24
N HIS B 93 -5.79 -9.60 -2.60
CA HIS B 93 -6.95 -8.77 -2.90
C HIS B 93 -6.66 -7.95 -4.15
N ILE B 94 -7.65 -7.81 -5.00
CA ILE B 94 -7.54 -6.90 -6.13
C ILE B 94 -8.88 -6.20 -6.28
N GLY B 95 -8.83 -4.89 -6.53
CA GLY B 95 -10.03 -4.10 -6.68
C GLY B 95 -9.73 -2.89 -7.55
N SER B 96 -10.76 -2.09 -7.85
CA SER B 96 -10.55 -0.98 -8.78
C SER B 96 -11.69 0.01 -8.69
N SER B 97 -11.36 1.29 -8.89
CA SER B 97 -12.35 2.32 -9.20
C SER B 97 -11.65 3.40 -10.01
N ASN B 98 -12.40 4.03 -10.92
CA ASN B 98 -11.97 5.27 -11.57
C ASN B 98 -10.65 5.10 -12.33
N GLY B 99 -10.46 3.94 -12.95
CA GLY B 99 -9.26 3.70 -13.75
C GLY B 99 -8.04 3.33 -12.94
N LEU B 100 -8.18 3.09 -11.65
CA LEU B 100 -7.07 2.67 -10.79
CA LEU B 100 -7.08 2.67 -10.80
C LEU B 100 -7.34 1.26 -10.30
N VAL B 101 -6.31 0.42 -10.34
CA VAL B 101 -6.38 -0.96 -9.85
C VAL B 101 -5.50 -1.08 -8.61
N TYR B 102 -6.03 -1.68 -7.54
CA TYR B 102 -5.27 -1.86 -6.31
C TYR B 102 -5.00 -3.35 -6.07
N THR B 103 -3.78 -3.68 -5.63
CA THR B 103 -3.37 -5.08 -5.41
C THR B 103 -2.72 -5.18 -4.04
N GLU B 104 -3.31 -6.00 -3.16
CA GLU B 104 -2.69 -6.35 -1.88
C GLU B 104 -2.08 -7.73 -2.03
N ARG B 105 -0.76 -7.82 -1.83
CA ARG B 105 -0.04 -8.99 -2.28
C ARG B 105 1.25 -9.14 -1.49
N VAL B 106 1.91 -10.28 -1.74
CA VAL B 106 3.26 -10.54 -1.28
C VAL B 106 4.11 -10.83 -2.51
N ASP B 107 5.25 -10.16 -2.63
CA ASP B 107 6.24 -10.48 -3.65
C ASP B 107 7.35 -11.26 -2.97
N VAL B 108 7.65 -12.45 -3.47
CA VAL B 108 8.80 -13.22 -2.99
C VAL B 108 10.03 -12.65 -3.68
N LEU B 109 10.84 -11.89 -2.94
CA LEU B 109 11.93 -11.09 -3.50
C LEU B 109 13.28 -11.69 -3.09
N ARG B 110 14.10 -12.03 -4.06
CA ARG B 110 15.40 -12.64 -3.78
C ARG B 110 16.49 -11.61 -4.07
N ALA B 111 17.37 -11.38 -3.10
CA ALA B 111 18.48 -10.45 -3.32
C ALA B 111 19.61 -11.21 -4.01
N LEU B 112 19.90 -10.86 -5.26
CA LEU B 112 20.91 -11.57 -6.02
C LEU B 112 22.31 -11.47 -5.40
N PRO B 113 22.79 -10.32 -4.92
CA PRO B 113 24.15 -10.29 -4.35
C PRO B 113 24.33 -11.15 -3.13
N THR B 114 23.30 -11.31 -2.29
CA THR B 114 23.46 -12.00 -1.02
C THR B 114 22.81 -13.36 -1.00
N GLY B 115 22.07 -13.73 -2.04
CA GLY B 115 21.43 -15.03 -2.09
C GLY B 115 20.51 -15.29 -0.92
N LYS B 116 19.69 -14.30 -0.61
CA LYS B 116 18.66 -14.45 0.44
C LYS B 116 17.35 -13.92 -0.11
N SER B 117 16.24 -14.46 0.38
CA SER B 117 14.92 -14.12 -0.11
CA SER B 117 14.90 -14.13 -0.11
C SER B 117 14.04 -13.60 1.02
N TYR B 118 12.98 -12.88 0.65
CA TYR B 118 12.09 -12.33 1.65
C TYR B 118 10.69 -12.20 1.07
N ASN B 119 9.69 -12.56 1.87
CA ASN B 119 8.29 -12.39 1.48
C ASN B 119 7.89 -10.96 1.83
N LEU B 120 7.88 -10.08 0.84
CA LEU B 120 7.63 -8.65 1.06
C LEU B 120 6.14 -8.34 0.93
N SER B 121 5.53 -7.81 2.01
CA SER B 121 4.12 -7.40 1.94
C SER B 121 4.00 -6.06 1.24
N ILE B 122 3.12 -6.00 0.25
CA ILE B 122 3.02 -4.85 -0.65
C ILE B 122 1.57 -4.51 -0.89
N LEU B 123 1.27 -3.22 -0.95
CA LEU B 123 0.02 -2.73 -1.51
C LEU B 123 0.40 -1.82 -2.67
N GLY B 124 -0.09 -2.15 -3.87
CA GLY B 124 0.34 -1.40 -5.03
C GLY B 124 -0.85 -0.85 -5.78
N VAL B 125 -0.62 0.20 -6.57
CA VAL B 125 -1.68 0.88 -7.32
C VAL B 125 -1.22 1.01 -8.76
N PHE B 126 -2.14 0.76 -9.70
CA PHE B 126 -1.86 0.87 -11.13
C PHE B 126 -2.91 1.76 -11.76
N GLN B 127 -2.47 2.76 -12.50
CA GLN B 127 -3.34 3.61 -13.32
CA GLN B 127 -3.35 3.58 -13.31
C GLN B 127 -3.31 3.07 -14.75
N LEU B 128 -4.48 2.81 -15.31
CA LEU B 128 -4.56 2.36 -16.68
C LEU B 128 -5.37 3.36 -17.51
N THR B 129 -4.88 3.63 -18.72
CA THR B 129 -5.60 4.41 -19.71
C THR B 129 -5.59 3.65 -21.02
N GLU B 130 -6.78 3.32 -21.52
CA GLU B 130 -6.92 2.50 -22.73
C GLU B 130 -6.06 1.24 -22.66
N GLY B 131 -6.07 0.58 -21.51
CA GLY B 131 -5.38 -0.68 -21.36
C GLY B 131 -3.88 -0.62 -21.20
N LYS B 132 -3.30 0.57 -21.04
CA LYS B 132 -1.86 0.72 -20.85
C LYS B 132 -1.57 1.34 -19.49
N ILE B 133 -0.44 0.97 -18.90
CA ILE B 133 -0.11 1.45 -17.55
C ILE B 133 0.42 2.87 -17.63
N THR B 134 -0.33 3.82 -17.07
CA THR B 134 0.10 5.20 -16.92
C THR B 134 0.70 5.49 -15.54
N GLY B 135 0.67 4.55 -14.63
CA GLY B 135 1.33 4.74 -13.36
C GLY B 135 1.30 3.44 -12.58
N TRP B 136 2.38 3.16 -11.87
CA TRP B 136 2.49 1.98 -11.04
C TRP B 136 3.32 2.38 -9.83
N ARG B 137 2.71 2.35 -8.64
CA ARG B 137 3.39 2.68 -7.38
C ARG B 137 3.17 1.56 -6.38
N ASP B 138 4.27 1.00 -5.84
CA ASP B 138 4.22 -0.04 -4.82
C ASP B 138 4.60 0.56 -3.47
N TYR B 139 3.80 0.26 -2.45
CA TYR B 139 4.04 0.75 -1.10
C TYR B 139 4.44 -0.43 -0.22
N PHE B 140 5.50 -0.27 0.55
CA PHE B 140 6.05 -1.32 1.40
C PHE B 140 7.14 -0.69 2.24
N ASP B 141 7.65 -1.46 3.20
CA ASP B 141 8.73 -1.01 4.05
C ASP B 141 10.05 -1.54 3.51
N LEU B 142 10.95 -0.64 3.11
CA LEU B 142 12.18 -1.07 2.47
C LEU B 142 13.18 -1.64 3.50
N ARG B 143 13.22 -1.05 4.69
CA ARG B 143 14.22 -1.45 5.68
C ARG B 143 14.07 -2.92 6.07
N GLU B 144 12.83 -3.39 6.31
CA GLU B 144 12.67 -4.79 6.68
C GLU B 144 13.15 -5.73 5.58
N PHE B 145 12.99 -5.34 4.30
CA PHE B 145 13.55 -6.15 3.23
C PHE B 145 15.07 -6.13 3.27
N GLU B 146 15.66 -4.94 3.40
CA GLU B 146 17.11 -4.80 3.43
C GLU B 146 17.73 -5.62 4.56
N GLU B 147 17.11 -5.59 5.75
CA GLU B 147 17.66 -6.32 6.88
C GLU B 147 17.49 -7.82 6.72
N ALA B 148 16.43 -8.25 6.06
CA ALA B 148 16.20 -9.67 5.87
C ALA B 148 17.23 -10.27 4.92
N VAL B 149 17.62 -9.54 3.89
CA VAL B 149 18.51 -10.10 2.86
C VAL B 149 19.92 -9.52 2.96
N ASP B 150 20.22 -8.75 4.01
CA ASP B 150 21.56 -8.19 4.27
C ASP B 150 22.08 -7.36 3.11
N LEU B 151 21.19 -6.59 2.48
CA LEU B 151 21.53 -5.73 1.35
C LEU B 151 21.09 -4.30 1.63
N PRO B 152 22.00 -3.43 2.10
CA PRO B 152 21.62 -2.03 2.32
C PRO B 152 21.31 -1.33 1.01
N LEU B 153 20.04 -0.96 0.83
CA LEU B 153 19.51 -0.36 -0.40
C LEU B 153 19.63 -1.32 -1.57
#